data_3OF8
#
_entry.id   3OF8
#
_cell.length_a   85.318
_cell.length_b   85.318
_cell.length_c   50.018
_cell.angle_alpha   90.00
_cell.angle_beta   90.00
_cell.angle_gamma   120.00
#
_symmetry.space_group_name_H-M   'P 65'
#
loop_
_entity.id
_entity.type
_entity.pdbx_description
1 polymer 'Cathepsin L1'
2 non-polymer Nalpha-[(benzyloxy)carbonyl]-N-[(2S)-1-(4-tert-butoxyphenyl)-4-hydroxy-3-oxobutan-2-yl]-L-phenylalaninamide
3 water water
#
_entity_poly.entity_id   1
_entity_poly.type   'polypeptide(L)'
_entity_poly.pdbx_seq_one_letter_code
;EAPRSVDWREKGYVTPVKNQGQCGSCWAFSATGALEGQMFRKTGRLISLSEQNLVDCSGPQGNEGCNGGLMDYAFQYVQD
NGGLDSEESYPYEATEESCKYNPKYSVANDTGFVDIPKQEKALMKAVATVGPISVAIDAGHESFLFYKEGIYFEPDCSSE
DMDHGVLVVGYGFESTESDNNKYWLVKNSWGEEWGMGGYVKMAKDRRNHCGIASAASYPTV
;
_entity_poly.pdbx_strand_id   A
#
# COMPACT_ATOMS: atom_id res chain seq x y z
N GLU A 1 2.15 17.89 16.30
CA GLU A 1 2.46 17.97 14.87
C GLU A 1 1.35 17.38 14.01
N ALA A 2 1.30 17.81 12.76
CA ALA A 2 0.44 17.17 11.75
C ALA A 2 -1.03 17.53 11.87
N PRO A 3 -1.73 17.57 10.74
CA PRO A 3 -3.18 17.78 10.70
C PRO A 3 -3.90 16.75 11.57
N ARG A 4 -5.16 16.99 11.88
CA ARG A 4 -5.91 16.01 12.68
C ARG A 4 -6.62 14.98 11.78
N SER A 5 -6.72 15.30 10.50
CA SER A 5 -7.28 14.41 9.49
C SER A 5 -6.46 14.56 8.22
N VAL A 6 -6.18 13.46 7.54
CA VAL A 6 -5.61 13.49 6.20
C VAL A 6 -6.34 12.50 5.29
N ASP A 7 -6.51 12.88 4.04
CA ASP A 7 -7.14 12.02 3.06
C ASP A 7 -6.66 12.32 1.64
N TRP A 8 -5.68 11.55 1.18
CA TRP A 8 -5.04 11.81 -0.11
C TRP A 8 -5.93 11.51 -1.31
N ARG A 9 -7.01 10.77 -1.08
CA ARG A 9 -7.97 10.52 -2.14
C ARG A 9 -8.58 11.84 -2.62
N GLU A 10 -8.87 12.72 -1.68
CA GLU A 10 -9.58 13.96 -1.99
C GLU A 10 -8.68 14.92 -2.79
N LYS A 11 -7.39 14.63 -2.81
CA LYS A 11 -6.46 15.44 -3.58
C LYS A 11 -6.11 14.75 -4.90
N GLY A 12 -6.58 13.53 -5.08
CA GLY A 12 -6.38 12.84 -6.34
C GLY A 12 -5.11 12.00 -6.40
N TYR A 13 -4.62 11.58 -5.23
CA TYR A 13 -3.40 10.79 -5.14
C TYR A 13 -3.63 9.30 -5.40
N VAL A 14 -4.89 8.87 -5.34
CA VAL A 14 -5.18 7.45 -5.18
C VAL A 14 -6.06 6.84 -6.29
N THR A 15 -5.62 5.72 -6.84
CA THR A 15 -6.40 5.01 -7.82
C THR A 15 -7.51 4.20 -7.13
N PRO A 16 -8.55 3.83 -7.87
CA PRO A 16 -9.61 2.97 -7.33
C PRO A 16 -9.06 1.67 -6.74
N VAL A 17 -9.73 1.15 -5.72
CA VAL A 17 -9.38 -0.15 -5.18
C VAL A 17 -9.34 -1.20 -6.27
N LYS A 18 -8.30 -2.03 -6.22
CA LYS A 18 -8.13 -3.13 -7.17
C LYS A 18 -8.28 -4.48 -6.46
N ASN A 19 -8.15 -5.55 -7.23
CA ASN A 19 -8.36 -6.90 -6.69
C ASN A 19 -7.23 -7.82 -7.11
N GLN A 20 -6.43 -8.28 -6.15
CA GLN A 20 -5.29 -9.14 -6.47
C GLN A 20 -5.73 -10.54 -6.89
N GLY A 21 -6.96 -10.91 -6.57
CA GLY A 21 -7.47 -12.22 -6.95
C GLY A 21 -6.70 -13.32 -6.25
N GLN A 22 -6.60 -14.49 -6.88
CA GLN A 22 -5.91 -15.60 -6.22
C GLN A 22 -4.43 -15.61 -6.56
N CYS A 23 -3.73 -14.58 -6.09
CA CYS A 23 -2.31 -14.43 -6.34
C CYS A 23 -1.75 -13.69 -5.12
N GLY A 24 -0.66 -14.19 -4.56
CA GLY A 24 -0.09 -13.60 -3.36
C GLY A 24 0.71 -12.37 -3.70
N SER A 25 0.03 -11.40 -4.31
CA SER A 25 0.69 -10.24 -4.90
C SER A 25 0.38 -8.92 -4.16
N CYS A 26 -0.03 -9.02 -2.91
CA CYS A 26 -0.39 -7.84 -2.12
C CYS A 26 0.72 -6.80 -2.08
N TRP A 27 1.96 -7.27 -2.00
CA TRP A 27 3.15 -6.42 -1.95
C TRP A 27 3.24 -5.56 -3.20
N ALA A 28 2.89 -6.13 -4.35
CA ALA A 28 2.95 -5.38 -5.60
C ALA A 28 1.90 -4.28 -5.66
N PHE A 29 0.69 -4.58 -5.18
CA PHE A 29 -0.38 -3.56 -5.14
C PHE A 29 -0.08 -2.43 -4.15
N SER A 30 0.49 -2.76 -3.00
CA SER A 30 0.88 -1.74 -2.04
C SER A 30 1.94 -0.84 -2.69
N ALA A 31 2.92 -1.45 -3.34
CA ALA A 31 3.98 -0.68 -3.99
C ALA A 31 3.47 0.19 -5.13
N THR A 32 2.68 -0.37 -6.04
CA THR A 32 2.14 0.47 -7.13
C THR A 32 1.30 1.61 -6.55
N GLY A 33 0.70 1.37 -5.39
CA GLY A 33 -0.13 2.37 -4.74
C GLY A 33 0.70 3.54 -4.21
N ALA A 34 1.79 3.21 -3.54
CA ALA A 34 2.74 4.21 -3.06
C ALA A 34 3.40 4.97 -4.23
N LEU A 35 3.79 4.22 -5.26
CA LEU A 35 4.38 4.83 -6.43
C LEU A 35 3.39 5.71 -7.20
N GLU A 36 2.14 5.26 -7.31
CA GLU A 36 1.09 6.05 -8.00
C GLU A 36 0.96 7.42 -7.33
N GLY A 37 1.03 7.42 -6.00
CA GLY A 37 0.94 8.61 -5.20
C GLY A 37 2.14 9.54 -5.40
N GLN A 38 3.34 8.98 -5.47
CA GLN A 38 4.55 9.82 -5.59
C GLN A 38 4.73 10.37 -7.00
N MET A 39 4.29 9.61 -8.00
CA MET A 39 4.35 10.07 -9.38
C MET A 39 3.36 11.20 -9.56
N PHE A 40 2.16 11.03 -8.99
CA PHE A 40 1.18 12.11 -9.00
C PHE A 40 1.73 13.40 -8.38
N ARG A 41 2.36 13.29 -7.21
CA ARG A 41 2.96 14.44 -6.56
C ARG A 41 3.94 15.16 -7.50
N LYS A 42 4.79 14.39 -8.16
CA LYS A 42 5.78 14.92 -9.11
C LYS A 42 5.16 15.60 -10.34
N THR A 43 4.19 14.94 -10.97
CA THR A 43 3.79 15.24 -12.35
C THR A 43 2.34 15.75 -12.55
N GLY A 44 1.51 15.59 -11.53
CA GLY A 44 0.10 15.94 -11.66
C GLY A 44 -0.76 14.95 -12.44
N ARG A 45 -0.15 13.87 -12.93
CA ARG A 45 -0.89 12.82 -13.61
C ARG A 45 -1.01 11.58 -12.72
N LEU A 46 -2.23 11.07 -12.59
CA LEU A 46 -2.47 9.86 -11.83
C LEU A 46 -2.65 8.73 -12.82
N ILE A 47 -1.70 7.81 -12.83
CA ILE A 47 -1.69 6.71 -13.78
C ILE A 47 -1.56 5.38 -13.05
N SER A 48 -2.56 4.54 -13.23
CA SER A 48 -2.54 3.19 -12.66
C SER A 48 -1.29 2.47 -13.15
N LEU A 49 -0.54 1.87 -12.23
CA LEU A 49 0.72 1.20 -12.56
C LEU A 49 0.55 -0.32 -12.62
N SER A 50 1.47 -0.99 -13.31
CA SER A 50 1.35 -2.42 -13.58
C SER A 50 1.88 -3.28 -12.44
N GLU A 51 0.97 -3.88 -11.67
CA GLU A 51 1.37 -4.87 -10.69
C GLU A 51 1.93 -6.13 -11.35
N GLN A 52 1.48 -6.43 -12.56
CA GLN A 52 1.94 -7.63 -13.29
C GLN A 52 3.41 -7.52 -13.68
N ASN A 53 3.83 -6.31 -14.02
CA ASN A 53 5.24 -6.00 -14.29
C ASN A 53 6.09 -6.34 -13.08
N LEU A 54 5.61 -5.99 -11.89
CA LEU A 54 6.32 -6.28 -10.64
C LEU A 54 6.32 -7.77 -10.35
N VAL A 55 5.20 -8.42 -10.62
CA VAL A 55 5.10 -9.85 -10.35
C VAL A 55 6.07 -10.67 -11.25
N ASP A 56 6.06 -10.37 -12.54
CA ASP A 56 6.85 -11.11 -13.51
C ASP A 56 8.34 -10.77 -13.47
N CYS A 57 8.69 -9.55 -13.10
CA CYS A 57 10.05 -9.08 -13.34
C CYS A 57 10.95 -8.77 -12.14
N SER A 58 10.40 -8.64 -10.95
CA SER A 58 11.25 -8.24 -9.84
C SER A 58 11.79 -9.42 -9.05
N GLY A 59 11.97 -10.54 -9.74
CA GLY A 59 12.63 -11.70 -9.15
C GLY A 59 14.04 -11.38 -8.70
N PRO A 60 14.86 -10.76 -9.57
CA PRO A 60 16.24 -10.42 -9.19
C PRO A 60 16.34 -9.66 -7.88
N GLN A 61 15.38 -8.77 -7.62
CA GLN A 61 15.38 -7.97 -6.39
C GLN A 61 15.03 -8.76 -5.12
N GLY A 62 14.47 -9.96 -5.29
CA GLY A 62 14.12 -10.79 -4.15
C GLY A 62 12.64 -11.16 -4.04
N ASN A 63 11.81 -10.65 -4.94
CA ASN A 63 10.38 -10.96 -4.89
C ASN A 63 10.06 -12.35 -5.43
N GLU A 64 8.92 -12.90 -5.03
CA GLU A 64 8.55 -14.27 -5.39
C GLU A 64 7.22 -14.37 -6.11
N GLY A 65 6.95 -13.39 -6.97
CA GLY A 65 5.73 -13.38 -7.76
C GLY A 65 4.49 -13.57 -6.92
N CYS A 66 3.68 -14.56 -7.30
CA CYS A 66 2.42 -14.82 -6.64
C CYS A 66 2.60 -15.53 -5.29
N ASN A 67 3.85 -15.69 -4.90
CA ASN A 67 4.16 -16.38 -3.67
C ASN A 67 4.57 -15.44 -2.56
N GLY A 68 4.72 -14.14 -2.88
CA GLY A 68 5.06 -13.16 -1.86
C GLY A 68 6.18 -12.20 -2.25
N GLY A 69 6.41 -11.17 -1.44
CA GLY A 69 7.42 -10.19 -1.75
C GLY A 69 7.35 -8.99 -0.83
N LEU A 70 8.26 -8.04 -1.02
CA LEU A 70 8.31 -6.86 -0.19
C LEU A 70 8.19 -5.60 -1.02
N MET A 71 7.60 -4.56 -0.44
CA MET A 71 7.41 -3.33 -1.16
C MET A 71 8.77 -2.73 -1.55
N ASP A 72 9.70 -2.69 -0.61
CA ASP A 72 11.04 -2.14 -0.89
C ASP A 72 11.76 -2.83 -2.06
N TYR A 73 11.55 -4.13 -2.22
CA TYR A 73 12.11 -4.85 -3.35
C TYR A 73 11.48 -4.35 -4.65
N ALA A 74 10.19 -4.02 -4.57
CA ALA A 74 9.48 -3.52 -5.75
C ALA A 74 10.03 -2.14 -6.09
N PHE A 75 10.21 -1.29 -5.08
CA PHE A 75 10.75 0.04 -5.32
C PHE A 75 12.15 -0.09 -5.89
N GLN A 76 12.91 -1.06 -5.39
CA GLN A 76 14.27 -1.29 -5.82
C GLN A 76 14.28 -1.76 -7.27
N TYR A 77 13.25 -2.50 -7.67
CA TYR A 77 13.19 -3.01 -9.03
C TYR A 77 12.98 -1.85 -9.99
N VAL A 78 12.05 -0.97 -9.64
CA VAL A 78 11.72 0.19 -10.48
C VAL A 78 12.98 1.01 -10.71
N GLN A 79 13.75 1.25 -9.64
CA GLN A 79 15.02 1.94 -9.74
C GLN A 79 16.00 1.17 -10.61
N ASP A 80 16.29 -0.07 -10.23
CA ASP A 80 17.21 -0.93 -10.98
C ASP A 80 16.83 -0.97 -12.45
N ASN A 81 15.53 -0.96 -12.71
CA ASN A 81 15.03 -1.20 -14.04
C ASN A 81 14.98 0.04 -14.93
N GLY A 82 15.02 1.21 -14.31
CA GLY A 82 14.82 2.44 -15.05
C GLY A 82 13.38 2.73 -15.44
N GLY A 83 12.42 1.96 -14.92
CA GLY A 83 11.02 2.24 -15.16
C GLY A 83 10.00 1.19 -14.74
N LEU A 84 8.73 1.50 -14.97
CA LEU A 84 7.61 0.60 -14.69
C LEU A 84 6.49 0.89 -15.66
N ASP A 85 5.89 -0.14 -16.23
CA ASP A 85 4.85 0.08 -17.22
C ASP A 85 3.52 0.42 -16.56
N SER A 86 2.59 0.95 -17.36
CA SER A 86 1.24 1.22 -16.91
C SER A 86 0.41 -0.06 -16.81
N GLU A 87 -0.67 0.03 -16.05
CA GLU A 87 -1.61 -1.07 -15.90
C GLU A 87 -2.20 -1.42 -17.26
N GLU A 88 -2.59 -0.41 -18.02
CA GLU A 88 -3.24 -0.63 -19.32
C GLU A 88 -2.33 -1.27 -20.36
N SER A 89 -1.02 -1.02 -20.26
CA SER A 89 -0.08 -1.56 -21.22
C SER A 89 0.36 -2.98 -20.84
N TYR A 90 0.29 -3.26 -19.55
CA TYR A 90 0.76 -4.52 -18.98
C TYR A 90 -0.26 -4.95 -17.91
N PRO A 91 -1.42 -5.46 -18.35
CA PRO A 91 -2.57 -5.68 -17.47
C PRO A 91 -2.43 -6.86 -16.51
N TYR A 92 -3.21 -6.84 -15.44
CA TYR A 92 -3.10 -7.84 -14.39
C TYR A 92 -3.77 -9.18 -14.78
N GLU A 93 -3.03 -10.29 -14.66
CA GLU A 93 -3.50 -11.62 -15.01
C GLU A 93 -3.57 -12.52 -13.78
N ALA A 94 -2.95 -12.09 -12.69
CA ALA A 94 -3.06 -12.79 -11.42
C ALA A 94 -2.39 -14.18 -11.43
N THR A 95 -1.42 -14.37 -12.33
CA THR A 95 -0.46 -15.50 -12.26
C THR A 95 0.93 -15.06 -12.72
N GLU A 96 1.91 -15.91 -12.47
CA GLU A 96 3.27 -15.64 -12.91
C GLU A 96 3.44 -15.86 -14.40
N GLU A 97 3.82 -14.80 -15.11
CA GLU A 97 4.10 -14.88 -16.53
C GLU A 97 5.55 -14.50 -16.78
N SER A 98 6.03 -14.74 -17.99
CA SER A 98 7.35 -14.26 -18.37
C SER A 98 7.38 -12.74 -18.21
N CYS A 99 8.50 -12.21 -17.72
CA CYS A 99 8.65 -10.75 -17.58
C CYS A 99 8.39 -10.09 -18.93
N LYS A 100 7.40 -9.21 -19.02
CA LYS A 100 7.09 -8.59 -20.31
C LYS A 100 7.42 -7.08 -20.35
N TYR A 101 8.36 -6.64 -19.53
CA TYR A 101 8.64 -5.21 -19.39
C TYR A 101 9.12 -4.55 -20.69
N ASN A 102 8.40 -3.50 -21.09
CA ASN A 102 8.76 -2.71 -22.25
C ASN A 102 8.99 -1.25 -21.86
N PRO A 103 10.26 -0.81 -21.89
CA PRO A 103 10.60 0.55 -21.46
C PRO A 103 9.85 1.58 -22.29
N LYS A 104 9.33 1.18 -23.44
CA LYS A 104 8.60 2.10 -24.29
C LYS A 104 7.31 2.55 -23.61
N TYR A 105 6.82 1.76 -22.66
CA TYR A 105 5.58 2.08 -21.96
C TYR A 105 5.80 2.41 -20.49
N SER A 106 7.04 2.64 -20.11
CA SER A 106 7.32 3.07 -18.76
C SER A 106 6.65 4.42 -18.52
N VAL A 107 5.88 4.52 -17.44
CA VAL A 107 5.28 5.78 -17.06
C VAL A 107 5.70 6.18 -15.66
N ALA A 108 6.59 5.40 -15.04
CA ALA A 108 7.06 5.72 -13.69
C ALA A 108 8.53 5.45 -13.46
N ASN A 109 9.05 5.97 -12.36
CA ASN A 109 10.42 5.73 -11.99
C ASN A 109 10.66 6.13 -10.54
N ASP A 110 11.76 5.68 -9.96
CA ASP A 110 12.12 6.17 -8.64
C ASP A 110 13.62 6.07 -8.46
N THR A 111 14.10 6.62 -7.36
CA THR A 111 15.53 6.61 -7.08
C THR A 111 15.74 6.00 -5.71
N GLY A 112 14.95 4.96 -5.41
CA GLY A 112 15.06 4.28 -4.14
C GLY A 112 13.86 4.52 -3.26
N PHE A 113 14.00 4.19 -1.99
CA PHE A 113 12.89 4.27 -1.08
C PHE A 113 13.40 4.76 0.24
N VAL A 114 12.45 5.00 1.14
CA VAL A 114 12.76 5.44 2.48
C VAL A 114 11.94 4.57 3.43
N ASP A 115 12.62 3.92 4.37
CA ASP A 115 11.96 3.15 5.40
C ASP A 115 11.67 4.07 6.58
N ILE A 116 10.44 4.02 7.07
CA ILE A 116 9.99 4.88 8.15
C ILE A 116 10.36 4.26 9.51
N PRO A 117 10.77 5.09 10.48
CA PRO A 117 11.03 4.56 11.82
C PRO A 117 9.78 3.90 12.39
N LYS A 118 9.96 2.83 13.16
CA LYS A 118 8.87 1.98 13.63
C LYS A 118 7.97 2.57 14.72
N GLN A 119 7.36 3.71 14.44
CA GLN A 119 6.49 4.35 15.42
C GLN A 119 5.35 5.02 14.69
N GLU A 120 4.16 4.97 15.28
CA GLU A 120 2.99 5.55 14.64
C GLU A 120 3.10 7.06 14.48
N LYS A 121 3.74 7.72 15.44
CA LYS A 121 3.90 9.15 15.32
C LYS A 121 4.69 9.44 14.05
N ALA A 122 5.65 8.57 13.73
CA ALA A 122 6.47 8.76 12.54
C ALA A 122 5.67 8.45 11.28
N LEU A 123 4.79 7.44 11.36
CA LEU A 123 3.91 7.13 10.24
C LEU A 123 2.99 8.33 9.99
N MET A 124 2.37 8.83 11.06
CA MET A 124 1.54 10.02 10.94
C MET A 124 2.25 11.12 10.15
N LYS A 125 3.48 11.42 10.55
CA LYS A 125 4.25 12.49 9.92
C LYS A 125 4.48 12.24 8.43
N ALA A 126 4.86 11.01 8.10
CA ALA A 126 5.12 10.64 6.71
C ALA A 126 3.87 10.71 5.85
N VAL A 127 2.73 10.27 6.38
CA VAL A 127 1.47 10.35 5.64
C VAL A 127 1.07 11.80 5.43
N ALA A 128 1.29 12.62 6.45
CA ALA A 128 0.90 14.03 6.40
C ALA A 128 1.72 14.81 5.40
N THR A 129 2.97 14.40 5.21
CA THR A 129 3.90 15.20 4.42
C THR A 129 4.14 14.63 3.02
N VAL A 130 4.25 13.32 2.94
CA VAL A 130 4.71 12.68 1.72
C VAL A 130 3.58 12.30 0.76
N GLY A 131 2.51 11.72 1.31
CA GLY A 131 1.46 11.09 0.54
C GLY A 131 1.22 9.65 0.99
N PRO A 132 0.43 8.87 0.23
CA PRO A 132 0.17 7.48 0.61
C PRO A 132 1.45 6.70 0.92
N ILE A 133 1.41 5.93 1.99
CA ILE A 133 2.55 5.13 2.41
C ILE A 133 2.26 3.62 2.32
N SER A 134 3.24 2.83 1.86
CA SER A 134 3.13 1.38 1.87
C SER A 134 3.37 0.88 3.27
N VAL A 135 2.50 0.01 3.76
CA VAL A 135 2.66 -0.58 5.09
C VAL A 135 2.29 -2.06 5.03
N ALA A 136 2.77 -2.85 5.99
CA ALA A 136 2.37 -4.25 6.09
C ALA A 136 1.65 -4.42 7.43
N ILE A 137 0.69 -5.33 7.47
CA ILE A 137 -0.08 -5.56 8.68
C ILE A 137 -0.30 -7.04 8.88
N ASP A 138 -0.55 -7.42 10.12
CA ASP A 138 -0.97 -8.76 10.48
C ASP A 138 -2.44 -8.89 10.12
N ALA A 139 -2.71 -9.35 8.90
CA ALA A 139 -4.07 -9.52 8.41
C ALA A 139 -4.61 -10.92 8.64
N GLY A 140 -3.79 -11.80 9.21
CA GLY A 140 -4.16 -13.21 9.33
C GLY A 140 -5.19 -13.48 10.40
N HIS A 141 -6.43 -13.02 10.19
CA HIS A 141 -7.49 -13.22 11.19
C HIS A 141 -8.88 -13.21 10.56
N GLU A 142 -9.73 -14.14 11.02
CA GLU A 142 -11.12 -14.21 10.57
C GLU A 142 -11.75 -12.83 10.57
N SER A 143 -11.58 -12.11 11.67
CA SER A 143 -12.20 -10.81 11.86
C SER A 143 -11.75 -9.83 10.78
N PHE A 144 -10.54 -10.01 10.28
CA PHE A 144 -10.07 -9.19 9.18
C PHE A 144 -10.64 -9.66 7.84
N LEU A 145 -10.60 -10.95 7.59
CA LEU A 145 -11.14 -11.51 6.37
C LEU A 145 -12.57 -11.04 6.15
N PHE A 146 -13.32 -11.00 7.24
CA PHE A 146 -14.74 -10.73 7.17
C PHE A 146 -15.06 -9.31 7.67
N TYR A 147 -14.07 -8.42 7.63
CA TYR A 147 -14.28 -7.05 8.05
C TYR A 147 -15.24 -6.32 7.09
N LYS A 148 -16.15 -5.52 7.64
CA LYS A 148 -17.10 -4.75 6.84
C LYS A 148 -17.25 -3.28 7.25
N GLU A 149 -17.36 -3.01 8.54
CA GLU A 149 -17.57 -1.63 8.94
C GLU A 149 -16.90 -1.26 10.26
N GLY A 150 -16.58 0.02 10.42
CA GLY A 150 -16.08 0.53 11.68
C GLY A 150 -14.58 0.58 11.79
N ILE A 151 -14.08 0.85 13.00
CA ILE A 151 -12.65 0.84 13.22
C ILE A 151 -12.18 -0.57 13.57
N TYR A 152 -11.32 -1.13 12.72
CA TYR A 152 -10.81 -2.46 12.94
C TYR A 152 -9.92 -2.56 14.17
N PHE A 153 -10.29 -3.43 15.09
CA PHE A 153 -9.47 -3.72 16.26
C PHE A 153 -9.54 -5.22 16.59
N GLU A 154 -8.37 -5.85 16.63
CA GLU A 154 -8.26 -7.28 16.87
C GLU A 154 -7.26 -7.54 18.00
N PRO A 155 -7.76 -7.88 19.19
CA PRO A 155 -6.97 -8.19 20.39
C PRO A 155 -5.76 -9.13 20.14
N ASP A 156 -5.94 -10.15 19.32
CA ASP A 156 -4.87 -11.13 19.11
C ASP A 156 -3.94 -10.68 17.99
N CYS A 157 -4.03 -9.42 17.59
CA CYS A 157 -3.19 -8.94 16.49
C CYS A 157 -1.73 -8.85 16.88
N SER A 158 -0.85 -9.06 15.91
CA SER A 158 0.58 -8.92 16.15
C SER A 158 1.16 -7.62 15.58
N SER A 159 2.04 -7.00 16.35
CA SER A 159 2.75 -5.80 15.94
C SER A 159 4.12 -6.11 15.38
N GLU A 160 4.43 -7.40 15.27
CA GLU A 160 5.78 -7.81 14.88
C GLU A 160 5.82 -8.73 13.68
N ASP A 161 4.76 -9.50 13.50
CA ASP A 161 4.71 -10.48 12.42
C ASP A 161 3.58 -10.14 11.44
N MET A 162 3.89 -9.26 10.48
CA MET A 162 2.90 -8.80 9.51
C MET A 162 2.97 -9.64 8.24
N ASP A 163 1.85 -9.80 7.54
CA ASP A 163 1.81 -10.72 6.42
C ASP A 163 1.15 -10.13 5.19
N HIS A 164 0.81 -8.85 5.23
CA HIS A 164 -0.04 -8.31 4.17
C HIS A 164 0.29 -6.85 3.87
N GLY A 165 0.72 -6.59 2.64
CA GLY A 165 1.07 -5.24 2.24
C GLY A 165 -0.17 -4.48 1.83
N VAL A 166 -0.38 -3.31 2.45
CA VAL A 166 -1.45 -2.39 2.08
C VAL A 166 -0.95 -0.95 1.95
N LEU A 167 -1.87 0.00 1.80
CA LEU A 167 -1.51 1.37 1.52
C LEU A 167 -2.28 2.33 2.43
N VAL A 168 -1.56 3.08 3.27
CA VAL A 168 -2.19 4.09 4.11
C VAL A 168 -2.34 5.38 3.31
N VAL A 169 -3.58 5.81 3.11
CA VAL A 169 -3.87 7.02 2.33
C VAL A 169 -4.35 8.18 3.22
N GLY A 170 -4.30 7.99 4.54
CA GLY A 170 -4.72 9.03 5.45
C GLY A 170 -5.04 8.51 6.83
N TYR A 171 -5.62 9.39 7.64
CA TYR A 171 -5.93 9.07 9.02
C TYR A 171 -6.99 10.03 9.52
N GLY A 172 -7.64 9.70 10.62
CA GLY A 172 -8.75 10.50 11.08
C GLY A 172 -9.25 10.03 12.42
N PHE A 173 -10.51 10.29 12.71
CA PHE A 173 -11.08 9.91 13.99
C PHE A 173 -12.59 9.85 13.90
N GLU A 174 -13.20 8.95 14.65
CA GLU A 174 -14.65 8.84 14.65
C GLU A 174 -15.22 9.91 15.56
N SER A 175 -16.10 10.76 15.04
CA SER A 175 -16.85 11.65 15.91
C SER A 175 -17.78 10.70 16.67
N THR A 176 -18.23 9.64 15.97
CA THR A 176 -18.84 8.49 16.62
C THR A 176 -17.87 7.99 17.72
N GLU A 177 -16.89 7.14 17.36
CA GLU A 177 -15.84 6.70 18.31
C GLU A 177 -14.84 7.80 18.74
N SER A 178 -14.83 8.15 20.03
CA SER A 178 -13.81 9.03 20.63
C SER A 178 -13.52 8.64 22.09
N ASP A 179 -12.74 7.57 22.24
CA ASP A 179 -12.35 7.00 23.52
C ASP A 179 -11.03 6.30 23.17
N ASN A 180 -11.15 5.36 22.22
CA ASN A 180 -10.06 4.98 21.34
C ASN A 180 -10.60 5.21 19.94
N ASN A 181 -10.53 6.47 19.49
CA ASN A 181 -11.34 6.99 18.40
C ASN A 181 -10.64 7.23 17.04
N LYS A 182 -9.33 7.06 17.01
CA LYS A 182 -8.55 7.38 15.82
C LYS A 182 -8.34 6.13 14.98
N TYR A 183 -8.08 6.32 13.69
CA TYR A 183 -7.85 5.21 12.78
C TYR A 183 -6.95 5.61 11.63
N TRP A 184 -6.20 4.65 11.12
CA TRP A 184 -5.57 4.84 9.83
C TRP A 184 -6.57 4.49 8.73
N LEU A 185 -6.58 5.30 7.67
CA LEU A 185 -7.37 5.00 6.49
C LEU A 185 -6.55 4.15 5.50
N VAL A 186 -6.97 2.90 5.31
CA VAL A 186 -6.15 1.91 4.62
C VAL A 186 -6.80 1.35 3.34
N LYS A 187 -6.13 1.54 2.21
CA LYS A 187 -6.57 0.99 0.94
C LYS A 187 -6.06 -0.45 0.81
N ASN A 188 -6.96 -1.40 0.68
CA ASN A 188 -6.62 -2.81 0.60
C ASN A 188 -6.70 -3.18 -0.88
N SER A 189 -6.39 -4.43 -1.21
CA SER A 189 -6.39 -4.89 -2.60
C SER A 189 -7.24 -6.16 -2.79
N TRP A 190 -8.38 -6.22 -2.12
CA TRP A 190 -9.25 -7.39 -2.21
C TRP A 190 -10.56 -7.06 -2.89
N GLY A 191 -10.56 -6.05 -3.76
CA GLY A 191 -11.76 -5.64 -4.45
C GLY A 191 -12.65 -4.77 -3.57
N GLU A 192 -13.67 -4.18 -4.17
CA GLU A 192 -14.51 -3.21 -3.48
C GLU A 192 -15.57 -3.84 -2.60
N GLU A 193 -15.76 -5.16 -2.74
CA GLU A 193 -16.79 -5.85 -2.00
C GLU A 193 -16.30 -6.28 -0.63
N TRP A 194 -15.04 -5.99 -0.31
CA TRP A 194 -14.51 -6.28 1.01
C TRP A 194 -14.42 -5.00 1.84
N GLY A 195 -14.74 -5.09 3.12
CA GLY A 195 -14.67 -3.94 4.00
C GLY A 195 -15.60 -2.83 3.56
N MET A 196 -15.15 -1.59 3.76
CA MET A 196 -15.91 -0.42 3.36
C MET A 196 -15.49 0.02 1.96
N GLY A 197 -16.09 -0.58 0.93
CA GLY A 197 -15.74 -0.25 -0.44
C GLY A 197 -14.29 -0.58 -0.76
N GLY A 198 -13.77 -1.61 -0.10
CA GLY A 198 -12.40 -2.07 -0.32
C GLY A 198 -11.39 -1.44 0.63
N TYR A 199 -11.88 -0.55 1.50
CA TYR A 199 -11.07 0.18 2.46
C TYR A 199 -11.28 -0.35 3.88
N VAL A 200 -10.34 -0.08 4.76
CA VAL A 200 -10.52 -0.40 6.17
C VAL A 200 -9.97 0.73 7.05
N LYS A 201 -10.65 1.01 8.15
CA LYS A 201 -10.11 1.93 9.14
C LYS A 201 -9.41 1.11 10.21
N MET A 202 -8.08 1.15 10.20
CA MET A 202 -7.29 0.42 11.19
C MET A 202 -7.08 1.27 12.45
N ALA A 203 -7.22 0.66 13.62
CA ALA A 203 -7.06 1.39 14.88
C ALA A 203 -5.75 2.16 14.94
N LYS A 204 -5.83 3.46 15.19
CA LYS A 204 -4.63 4.30 15.22
C LYS A 204 -4.25 4.66 16.66
N ASP A 205 -2.95 4.77 16.91
CA ASP A 205 -2.44 5.12 18.22
C ASP A 205 -2.94 4.17 19.29
N ARG A 206 -2.93 2.89 18.98
CA ARG A 206 -3.27 1.88 19.97
C ARG A 206 -2.06 0.98 20.05
N ARG A 207 -0.93 1.62 20.31
CA ARG A 207 0.36 0.99 20.46
C ARG A 207 0.72 0.11 19.27
N ASN A 208 0.65 0.71 18.09
CA ASN A 208 0.99 0.05 16.84
C ASN A 208 0.17 -1.20 16.57
N HIS A 209 -1.15 -1.03 16.53
CA HIS A 209 -2.06 -2.13 16.37
C HIS A 209 -1.84 -2.82 15.02
N CYS A 210 -1.69 -4.14 15.09
CA CYS A 210 -1.45 -5.00 13.93
C CYS A 210 -0.16 -4.71 13.18
N GLY A 211 0.74 -3.98 13.82
CA GLY A 211 2.04 -3.73 13.23
C GLY A 211 2.08 -2.72 12.08
N ILE A 212 1.04 -1.90 11.97
CA ILE A 212 0.92 -0.98 10.84
C ILE A 212 2.10 -0.01 10.67
N ALA A 213 2.78 0.31 11.77
CA ALA A 213 3.97 1.17 11.70
C ALA A 213 5.30 0.39 11.64
N SER A 214 5.22 -0.94 11.65
CA SER A 214 6.44 -1.77 11.72
C SER A 214 7.16 -1.99 10.39
N ALA A 215 6.53 -1.69 9.26
CA ALA A 215 7.17 -1.90 7.96
C ALA A 215 6.70 -0.89 6.91
N ALA A 216 6.77 0.39 7.25
CA ALA A 216 6.27 1.46 6.39
C ALA A 216 7.38 2.07 5.57
N SER A 217 7.13 2.32 4.30
CA SER A 217 8.14 2.87 3.41
C SER A 217 7.47 3.56 2.24
N TYR A 218 8.27 4.26 1.44
CA TYR A 218 7.73 4.89 0.25
C TYR A 218 8.84 5.09 -0.76
N PRO A 219 8.49 5.14 -2.04
CA PRO A 219 9.53 5.36 -3.05
C PRO A 219 9.88 6.84 -3.15
N THR A 220 11.16 7.13 -3.36
CA THR A 220 11.58 8.50 -3.64
C THR A 220 11.63 8.66 -5.14
N VAL A 221 10.99 9.70 -5.66
CA VAL A 221 10.92 9.87 -7.10
C VAL A 221 11.43 11.23 -7.59
#